data_4JQ4
#
_entry.id   4JQ4
#
_cell.length_a   142.454
_cell.length_b   142.454
_cell.length_c   206.388
_cell.angle_alpha   90.00
_cell.angle_beta   90.00
_cell.angle_gamma   120.00
#
_symmetry.space_group_name_H-M   'H 3 2'
#
loop_
_entity.id
_entity.type
_entity.pdbx_description
1 polymer 'Aldo-keto reductase family 1 member C2'
2 non-polymer INDOMETHACIN
3 non-polymer 'NADP NICOTINAMIDE-ADENINE-DINUCLEOTIDE PHOSPHATE'
4 non-polymer 'L(+)-TARTARIC ACID'
5 non-polymer 1,2-ETHANEDIOL
6 non-polymer 'PHOSPHATE ION'
7 water water
#
_entity_poly.entity_id   1
_entity_poly.type   'polypeptide(L)'
_entity_poly.pdbx_seq_one_letter_code
;MDSKYQCVKLNDGHFMPVLGFGTYAPAEVPKSKALEAVKLAIEAGFHHIDSAHVYNNEEQVGLAIRSKIADGSVKREDIF
YTSKLWSNSHRPELVRPALERSLKNLQLDYVDLYLIHFPVSVKPGEEVIPKDENGKILFDTVDLCATWEAMEKCKDAGLA
KSIGVSNFNHRLLEMILNKPGLKYKPVCNQVECHPYFNQRKLLDFCKSKDIVLVAYSALGSHREEPWVDPNSPVLLEDPV
LCALAKKHKRTPALIALRYQLQRGVVVLAKSYNEQRIRQNVQVFEFQLTSEEMKAIDGLNRNVRYLTLDIFAGPPNYPFS
DEYLEHHHHHH
;
_entity_poly.pdbx_strand_id   A,B
#
# COMPACT_ATOMS: atom_id res chain seq x y z
N LYS A 4 3.85 12.42 -2.89
CA LYS A 4 3.72 11.03 -2.44
C LYS A 4 2.39 10.43 -2.82
N TYR A 5 2.40 9.11 -2.97
CA TYR A 5 1.18 8.38 -3.43
C TYR A 5 1.45 6.86 -3.15
N GLN A 6 0.42 6.11 -3.10
CA GLN A 6 0.49 4.72 -2.65
CA GLN A 6 0.54 4.73 -2.68
C GLN A 6 0.96 3.80 -3.82
N CYS A 7 2.08 3.10 -3.58
CA CYS A 7 2.69 2.17 -4.46
C CYS A 7 3.04 0.82 -3.77
N VAL A 8 3.31 -0.18 -4.63
CA VAL A 8 3.66 -1.56 -4.17
C VAL A 8 5.03 -1.91 -4.80
N LYS A 9 5.91 -2.51 -4.01
CA LYS A 9 7.18 -2.95 -4.54
C LYS A 9 7.00 -4.19 -5.39
N LEU A 10 7.57 -4.13 -6.58
CA LEU A 10 7.48 -5.26 -7.51
C LEU A 10 8.72 -6.15 -7.32
N ASN A 11 8.67 -7.36 -7.93
CA ASN A 11 9.67 -8.39 -7.65
C ASN A 11 10.99 -8.12 -8.34
N ASP A 12 11.06 -7.07 -9.18
CA ASP A 12 12.30 -6.58 -9.68
C ASP A 12 12.82 -5.32 -8.96
N GLY A 13 12.19 -4.96 -7.82
CA GLY A 13 12.58 -3.77 -7.01
C GLY A 13 12.06 -2.40 -7.53
N HIS A 14 11.23 -2.43 -8.55
CA HIS A 14 10.63 -1.17 -9.07
C HIS A 14 9.29 -1.05 -8.38
N PHE A 15 8.72 0.16 -8.42
CA PHE A 15 7.47 0.41 -7.71
C PHE A 15 6.34 0.81 -8.63
N MET A 16 5.16 0.25 -8.31
CA MET A 16 3.98 0.42 -9.15
C MET A 16 2.92 1.13 -8.34
N PRO A 17 2.41 2.29 -8.87
CA PRO A 17 1.25 2.88 -8.14
C PRO A 17 0.02 1.99 -8.13
N VAL A 18 -0.65 1.89 -6.99
CA VAL A 18 -1.65 0.87 -6.81
C VAL A 18 -2.99 1.15 -7.49
N LEU A 19 -3.17 2.39 -7.99
CA LEU A 19 -4.37 2.80 -8.72
C LEU A 19 -3.83 3.26 -10.07
N GLY A 20 -4.33 2.61 -11.13
CA GLY A 20 -3.97 2.88 -12.54
C GLY A 20 -5.18 3.37 -13.32
N PHE A 21 -4.91 4.24 -14.28
CA PHE A 21 -5.86 4.87 -15.13
C PHE A 21 -5.92 4.03 -16.42
N GLY A 22 -7.09 3.49 -16.72
CA GLY A 22 -7.33 2.71 -17.97
C GLY A 22 -7.61 3.69 -19.09
N THR A 23 -7.11 3.37 -20.28
CA THR A 23 -7.21 4.35 -21.42
C THR A 23 -7.98 3.79 -22.62
N TYR A 24 -8.37 2.52 -22.58
CA TYR A 24 -9.08 1.90 -23.73
C TYR A 24 -10.50 2.48 -23.82
N ALA A 25 -10.95 2.90 -25.01
CA ALA A 25 -12.40 3.20 -25.24
C ALA A 25 -12.79 2.48 -26.57
N PRO A 26 -14.08 2.13 -26.71
CA PRO A 26 -14.43 1.55 -28.01
C PRO A 26 -14.05 2.45 -29.18
N ALA A 27 -13.73 1.86 -30.33
CA ALA A 27 -13.27 2.56 -31.57
C ALA A 27 -14.09 3.77 -32.03
N GLU A 28 -15.38 3.82 -31.69
CA GLU A 28 -16.25 4.93 -32.11
C GLU A 28 -16.19 6.12 -31.18
N VAL A 29 -15.55 5.98 -30.02
CA VAL A 29 -15.22 7.15 -29.20
C VAL A 29 -14.00 7.80 -29.86
N PRO A 30 -14.07 9.10 -30.21
CA PRO A 30 -12.89 9.62 -30.91
C PRO A 30 -11.59 9.57 -30.07
N LYS A 31 -10.48 9.35 -30.76
CA LYS A 31 -9.20 9.22 -30.07
C LYS A 31 -8.79 10.47 -29.31
N SER A 32 -9.24 11.66 -29.75
CA SER A 32 -9.01 12.93 -29.04
C SER A 32 -9.41 12.91 -27.55
N LYS A 33 -10.44 12.11 -27.24
CA LYS A 33 -10.94 12.08 -25.91
C LYS A 33 -9.90 11.35 -24.95
N ALA A 34 -9.06 10.48 -25.49
CA ALA A 34 -7.93 9.85 -24.71
C ALA A 34 -6.93 10.90 -24.23
N LEU A 35 -6.62 11.85 -25.11
CA LEU A 35 -5.70 12.92 -24.76
C LEU A 35 -6.26 13.71 -23.54
N GLU A 36 -7.51 14.20 -23.65
CA GLU A 36 -8.12 14.98 -22.57
C GLU A 36 -8.28 14.13 -21.29
N ALA A 37 -8.75 12.92 -21.39
CA ALA A 37 -8.94 12.09 -20.17
C ALA A 37 -7.59 11.82 -19.41
N VAL A 38 -6.54 11.49 -20.15
CA VAL A 38 -5.23 11.26 -19.48
C VAL A 38 -4.73 12.46 -18.72
N LYS A 39 -4.80 13.64 -19.36
CA LYS A 39 -4.47 14.85 -18.65
C LYS A 39 -5.33 15.02 -17.43
N LEU A 40 -6.66 14.86 -17.54
CA LEU A 40 -7.44 15.01 -16.36
C LEU A 40 -7.04 13.98 -15.28
N ALA A 41 -6.82 12.77 -15.70
CA ALA A 41 -6.35 11.71 -14.77
C ALA A 41 -5.08 12.12 -13.98
N ILE A 42 -4.10 12.61 -14.68
CA ILE A 42 -2.84 13.14 -14.08
C ILE A 42 -3.20 14.26 -13.09
N GLU A 43 -4.07 15.21 -13.53
CA GLU A 43 -4.46 16.34 -12.68
C GLU A 43 -5.15 15.82 -11.41
N ALA A 44 -5.93 14.75 -11.53
CA ALA A 44 -6.69 14.22 -10.40
C ALA A 44 -5.84 13.50 -9.39
N GLY A 45 -4.65 13.07 -9.80
CA GLY A 45 -3.72 12.34 -8.95
C GLY A 45 -3.44 10.89 -9.35
N PHE A 46 -3.83 10.49 -10.55
CA PHE A 46 -3.38 9.20 -11.11
C PHE A 46 -1.90 9.27 -11.44
N HIS A 47 -1.12 8.32 -10.98
CA HIS A 47 0.29 8.25 -11.31
C HIS A 47 0.66 7.03 -12.14
N HIS A 48 -0.34 6.29 -12.50
CA HIS A 48 -0.19 5.05 -13.28
C HIS A 48 -1.18 5.09 -14.42
N ILE A 49 -0.67 4.95 -15.64
CA ILE A 49 -1.47 5.06 -16.88
C ILE A 49 -1.27 3.77 -17.70
N ASP A 50 -2.40 3.11 -17.98
CA ASP A 50 -2.37 1.89 -18.69
C ASP A 50 -2.80 1.93 -20.16
N SER A 51 -1.89 1.65 -21.06
CA SER A 51 -2.24 1.54 -22.50
C SER A 51 -1.67 0.32 -23.17
N ALA A 52 -1.68 0.31 -24.50
CA ALA A 52 -1.34 -0.87 -25.27
C ALA A 52 -1.23 -0.38 -26.74
N HIS A 53 -0.44 -1.09 -27.51
CA HIS A 53 -0.41 -0.90 -28.97
C HIS A 53 -1.82 -0.99 -29.61
N VAL A 54 -2.49 -2.05 -29.21
CA VAL A 54 -3.74 -2.40 -29.93
C VAL A 54 -4.84 -1.42 -29.66
N TYR A 55 -4.75 -0.55 -28.61
CA TYR A 55 -5.78 0.44 -28.26
C TYR A 55 -5.82 1.60 -29.28
N ASN A 56 -4.76 1.66 -30.06
CA ASN A 56 -4.66 2.73 -31.10
C ASN A 56 -4.84 4.11 -30.50
N ASN A 57 -4.23 4.39 -29.34
CA ASN A 57 -4.29 5.68 -28.74
C ASN A 57 -2.96 6.14 -28.15
N GLU A 58 -1.89 5.40 -28.42
CA GLU A 58 -0.58 5.71 -27.86
C GLU A 58 -0.07 7.09 -28.26
N GLU A 59 -0.38 7.56 -29.44
CA GLU A 59 -0.04 8.99 -29.86
C GLU A 59 -0.71 9.95 -28.85
N GLN A 60 -2.01 9.78 -28.61
CA GLN A 60 -2.70 10.69 -27.75
C GLN A 60 -2.34 10.58 -26.32
N VAL A 61 -2.20 9.34 -25.82
CA VAL A 61 -1.86 9.17 -24.42
C VAL A 61 -0.42 9.65 -24.14
N GLY A 62 0.46 9.46 -25.09
CA GLY A 62 1.89 9.93 -25.01
C GLY A 62 1.92 11.46 -25.03
N LEU A 63 1.13 12.10 -25.89
CA LEU A 63 0.96 13.54 -25.89
C LEU A 63 0.46 14.10 -24.54
N ALA A 64 -0.51 13.44 -23.94
CA ALA A 64 -1.03 13.91 -22.62
C ALA A 64 0.14 13.95 -21.63
N ILE A 65 0.88 12.86 -21.63
CA ILE A 65 1.96 12.63 -20.68
C ILE A 65 3.09 13.66 -20.91
N ARG A 66 3.52 13.83 -22.15
CA ARG A 66 4.52 14.80 -22.50
CA ARG A 66 4.55 14.77 -22.47
C ARG A 66 4.05 16.19 -22.16
N SER A 67 2.76 16.43 -22.33
CA SER A 67 2.23 17.71 -22.05
C SER A 67 2.30 18.02 -20.54
N LYS A 68 2.00 17.09 -19.64
CA LYS A 68 1.90 17.42 -18.19
C LYS A 68 3.29 17.44 -17.54
N ILE A 69 4.22 16.85 -18.24
CA ILE A 69 5.67 16.96 -17.89
C ILE A 69 6.22 18.31 -18.32
N ALA A 70 5.96 18.67 -19.56
CA ALA A 70 6.46 19.91 -20.09
C ALA A 70 5.83 21.13 -19.42
N ASP A 71 4.61 21.04 -18.91
CA ASP A 71 3.98 22.18 -18.25
C ASP A 71 4.32 22.31 -16.75
N GLY A 72 5.17 21.41 -16.26
CA GLY A 72 5.65 21.37 -14.86
C GLY A 72 4.74 20.71 -13.82
N SER A 73 3.61 20.16 -14.25
CA SER A 73 2.71 19.44 -13.34
C SER A 73 3.27 18.17 -12.75
N VAL A 74 4.09 17.42 -13.49
CA VAL A 74 4.54 16.12 -12.99
C VAL A 74 5.92 15.79 -13.62
N LYS A 75 6.72 14.97 -12.95
CA LYS A 75 8.03 14.58 -13.49
C LYS A 75 7.83 13.20 -14.13
N ARG A 76 8.71 12.85 -15.08
CA ARG A 76 8.54 11.56 -15.76
C ARG A 76 8.67 10.42 -14.78
N GLU A 77 9.56 10.60 -13.81
CA GLU A 77 9.71 9.62 -12.73
C GLU A 77 8.50 9.41 -11.88
N ASP A 78 7.51 10.31 -11.93
CA ASP A 78 6.29 10.09 -11.16
C ASP A 78 5.17 9.76 -12.04
N ILE A 79 5.44 9.21 -13.20
CA ILE A 79 4.38 8.64 -14.05
C ILE A 79 4.89 7.23 -14.28
N PHE A 80 3.99 6.29 -14.06
CA PHE A 80 4.23 4.85 -14.37
C PHE A 80 3.36 4.51 -15.57
N TYR A 81 4.02 4.42 -16.76
CA TYR A 81 3.32 4.15 -18.03
C TYR A 81 3.54 2.65 -18.44
N THR A 82 2.43 1.95 -18.72
CA THR A 82 2.38 0.60 -19.20
C THR A 82 2.00 0.59 -20.67
N SER A 83 2.81 -0.09 -21.46
CA SER A 83 2.33 -0.56 -22.81
C SER A 83 2.28 -2.13 -22.83
N LYS A 84 1.83 -2.66 -24.01
CA LYS A 84 1.61 -4.10 -24.14
C LYS A 84 1.90 -4.48 -25.61
N LEU A 85 2.64 -5.58 -25.67
CA LEU A 85 3.05 -6.27 -26.83
C LEU A 85 1.82 -7.02 -27.43
N TRP A 86 1.41 -6.58 -28.62
CA TRP A 86 0.24 -7.22 -29.29
C TRP A 86 0.70 -8.54 -29.97
N SER A 87 -0.25 -9.42 -30.12
CA SER A 87 -0.06 -10.78 -30.58
C SER A 87 0.50 -10.99 -32.00
N ASN A 88 0.52 -9.94 -32.82
CA ASN A 88 1.22 -9.95 -34.09
C ASN A 88 2.76 -9.76 -34.00
N SER A 89 3.22 -9.47 -32.79
CA SER A 89 4.66 -9.34 -32.54
C SER A 89 5.25 -10.21 -31.46
N HIS A 90 4.63 -11.38 -31.26
CA HIS A 90 5.24 -12.40 -30.44
C HIS A 90 6.55 -12.99 -30.91
N ARG A 91 6.78 -13.09 -32.24
CA ARG A 91 8.06 -13.67 -32.61
C ARG A 91 9.20 -12.87 -31.98
N PRO A 92 10.19 -13.58 -31.43
CA PRO A 92 11.22 -12.87 -30.65
C PRO A 92 11.83 -11.67 -31.36
N GLU A 93 12.19 -11.81 -32.63
CA GLU A 93 12.83 -10.71 -33.33
C GLU A 93 11.96 -9.50 -33.56
N LEU A 94 10.63 -9.63 -33.32
CA LEU A 94 9.65 -8.60 -33.58
C LEU A 94 9.25 -7.85 -32.25
N VAL A 95 9.75 -8.39 -31.14
CA VAL A 95 9.45 -7.82 -29.79
C VAL A 95 10.01 -6.43 -29.60
N ARG A 96 11.32 -6.30 -29.76
CA ARG A 96 11.90 -4.96 -29.64
C ARG A 96 11.40 -3.95 -30.60
N PRO A 97 11.26 -4.34 -31.90
CA PRO A 97 10.71 -3.36 -32.78
C PRO A 97 9.29 -2.88 -32.42
N ALA A 98 8.47 -3.77 -31.84
CA ALA A 98 7.13 -3.40 -31.46
C ALA A 98 7.22 -2.36 -30.25
N LEU A 99 8.10 -2.66 -29.30
CA LEU A 99 8.30 -1.73 -28.16
C LEU A 99 8.78 -0.35 -28.69
N GLU A 100 9.76 -0.35 -29.57
CA GLU A 100 10.28 0.88 -30.21
C GLU A 100 9.23 1.61 -31.01
N ARG A 101 8.35 0.92 -31.72
CA ARG A 101 7.21 1.55 -32.38
C ARG A 101 6.29 2.24 -31.37
N SER A 102 5.96 1.53 -30.30
CA SER A 102 5.16 2.15 -29.26
C SER A 102 5.81 3.41 -28.68
N LEU A 103 7.09 3.28 -28.34
CA LEU A 103 7.87 4.42 -27.81
C LEU A 103 7.93 5.58 -28.82
N LYS A 104 8.07 5.29 -30.12
CA LYS A 104 8.04 6.30 -31.14
C LYS A 104 6.66 7.02 -31.19
N ASN A 105 5.62 6.26 -31.10
CA ASN A 105 4.29 6.79 -31.15
C ASN A 105 4.00 7.68 -29.91
N LEU A 106 4.51 7.24 -28.77
CA LEU A 106 4.35 7.93 -27.49
C LEU A 106 5.30 9.13 -27.31
N GLN A 107 6.39 9.11 -28.05
CA GLN A 107 7.52 10.01 -27.78
C GLN A 107 7.95 10.00 -26.32
N LEU A 108 8.07 8.79 -25.77
CA LEU A 108 8.76 8.59 -24.49
C LEU A 108 10.03 7.80 -24.73
N ASP A 109 10.97 7.92 -23.84
CA ASP A 109 12.23 7.21 -23.96
C ASP A 109 12.10 5.75 -23.48
N TYR A 110 11.22 5.46 -22.54
CA TYR A 110 11.07 4.18 -21.93
C TYR A 110 9.59 4.02 -21.48
N VAL A 111 9.21 2.76 -21.33
CA VAL A 111 7.99 2.42 -20.67
C VAL A 111 8.36 1.87 -19.30
N ASP A 112 7.53 2.19 -18.33
CA ASP A 112 7.63 1.56 -17.03
C ASP A 112 7.36 0.10 -16.95
N LEU A 113 6.46 -0.40 -17.80
CA LEU A 113 6.08 -1.77 -17.73
C LEU A 113 5.71 -2.16 -19.18
N TYR A 114 6.18 -3.31 -19.61
CA TYR A 114 5.77 -3.90 -20.95
C TYR A 114 5.25 -5.30 -20.67
N LEU A 115 4.02 -5.57 -21.12
CA LEU A 115 3.32 -6.83 -20.87
C LEU A 115 3.15 -7.59 -22.22
N ILE A 116 3.16 -8.90 -22.09
CA ILE A 116 2.69 -9.75 -23.21
C ILE A 116 1.16 -9.65 -23.05
N HIS A 117 0.50 -9.10 -24.06
CA HIS A 117 -0.91 -8.77 -23.97
C HIS A 117 -1.90 -9.96 -23.87
N PHE A 118 -1.68 -10.98 -24.67
CA PHE A 118 -2.56 -12.07 -24.77
C PHE A 118 -1.72 -13.24 -25.31
N PRO A 119 -1.87 -14.45 -24.72
CA PRO A 119 -0.88 -15.49 -24.96
C PRO A 119 -1.06 -16.20 -26.30
N VAL A 120 -2.13 -15.89 -27.01
CA VAL A 120 -2.29 -16.50 -28.37
C VAL A 120 -1.64 -15.57 -29.38
N SER A 121 -0.90 -16.19 -30.35
CA SER A 121 -0.15 -15.45 -31.33
C SER A 121 -0.91 -15.41 -32.63
N VAL A 122 -0.70 -14.33 -33.37
CA VAL A 122 -1.13 -14.17 -34.74
C VAL A 122 -0.07 -13.69 -35.68
N LYS A 123 -0.38 -13.84 -36.97
CA LYS A 123 0.61 -13.64 -38.01
C LYS A 123 1.17 -12.24 -37.99
N PRO A 124 2.52 -12.12 -38.16
CA PRO A 124 3.10 -10.79 -38.25
C PRO A 124 2.58 -9.86 -39.37
N GLY A 125 2.68 -8.56 -39.15
CA GLY A 125 2.31 -7.56 -40.11
C GLY A 125 1.64 -6.37 -39.45
N GLU A 126 1.29 -5.35 -40.22
CA GLU A 126 0.62 -4.13 -39.70
C GLU A 126 -0.77 -4.42 -39.04
N GLU A 127 -1.52 -5.43 -39.52
CA GLU A 127 -2.89 -5.71 -39.04
C GLU A 127 -2.83 -6.43 -37.66
N VAL A 128 -3.49 -5.84 -36.70
CA VAL A 128 -3.60 -6.39 -35.37
C VAL A 128 -4.49 -7.64 -35.26
N ILE A 129 -5.52 -7.76 -36.15
CA ILE A 129 -6.34 -8.97 -36.24
C ILE A 129 -6.27 -9.40 -37.73
N PRO A 130 -5.16 -10.06 -38.10
CA PRO A 130 -4.97 -10.48 -39.49
C PRO A 130 -6.00 -11.56 -39.80
N LYS A 131 -6.65 -11.43 -40.95
CA LYS A 131 -7.64 -12.45 -41.44
C LYS A 131 -7.28 -12.81 -42.86
N ASP A 132 -7.58 -14.04 -43.18
CA ASP A 132 -7.61 -14.45 -44.53
C ASP A 132 -8.86 -14.01 -45.34
N GLU A 133 -8.90 -14.42 -46.63
CA GLU A 133 -9.91 -13.97 -47.58
CA GLU A 133 -9.93 -13.86 -47.50
C GLU A 133 -11.28 -14.37 -47.10
N ASN A 134 -11.33 -15.45 -46.31
CA ASN A 134 -12.64 -16.02 -45.84
C ASN A 134 -12.90 -15.60 -44.37
N GLY A 135 -12.21 -14.57 -43.94
CA GLY A 135 -12.36 -14.06 -42.61
C GLY A 135 -11.81 -14.88 -41.45
N LYS A 136 -11.01 -15.89 -41.70
CA LYS A 136 -10.44 -16.66 -40.63
C LYS A 136 -9.25 -15.93 -40.08
N ILE A 137 -9.13 -15.87 -38.78
CA ILE A 137 -7.93 -15.34 -38.16
C ILE A 137 -6.71 -16.17 -38.48
N LEU A 138 -5.68 -15.49 -38.84
CA LEU A 138 -4.40 -16.07 -39.16
C LEU A 138 -3.56 -16.24 -37.88
N PHE A 139 -3.71 -17.38 -37.23
CA PHE A 139 -2.97 -17.74 -36.07
C PHE A 139 -1.56 -18.08 -36.48
N ASP A 140 -0.69 -17.87 -35.52
CA ASP A 140 0.72 -18.14 -35.59
C ASP A 140 1.20 -19.03 -34.43
N THR A 141 2.31 -19.71 -34.67
CA THR A 141 2.85 -20.67 -33.75
C THR A 141 4.22 -20.13 -33.28
N VAL A 142 4.21 -19.68 -32.03
CA VAL A 142 5.36 -19.06 -31.39
C VAL A 142 5.53 -19.61 -29.97
N ASP A 143 6.78 -19.88 -29.61
CA ASP A 143 7.10 -20.36 -28.29
C ASP A 143 7.18 -19.11 -27.37
N LEU A 144 6.22 -18.96 -26.50
CA LEU A 144 6.15 -17.76 -25.61
C LEU A 144 7.36 -17.63 -24.67
N CYS A 145 8.02 -18.74 -24.33
CA CYS A 145 9.31 -18.64 -23.65
C CYS A 145 10.36 -17.87 -24.42
N ALA A 146 10.43 -18.05 -25.73
CA ALA A 146 11.30 -17.21 -26.56
C ALA A 146 10.84 -15.74 -26.59
N THR A 147 9.52 -15.55 -26.68
CA THR A 147 9.01 -14.19 -26.61
C THR A 147 9.45 -13.56 -25.30
N TRP A 148 9.37 -14.33 -24.23
CA TRP A 148 9.82 -13.81 -22.86
C TRP A 148 11.28 -13.45 -22.83
N GLU A 149 12.13 -14.28 -23.43
CA GLU A 149 13.57 -13.92 -23.54
C GLU A 149 13.76 -12.56 -24.22
N ALA A 150 12.99 -12.28 -25.27
CA ALA A 150 13.13 -11.03 -26.05
C ALA A 150 12.59 -9.84 -25.18
N MET A 151 11.60 -10.14 -24.35
CA MET A 151 11.05 -9.20 -23.35
C MET A 151 12.14 -8.87 -22.32
N GLU A 152 12.76 -9.92 -21.80
CA GLU A 152 13.96 -9.77 -20.93
C GLU A 152 15.06 -8.86 -21.49
N LYS A 153 15.37 -8.98 -22.76
CA LYS A 153 16.32 -8.09 -23.41
C LYS A 153 15.88 -6.64 -23.49
N CYS A 154 14.59 -6.38 -23.66
CA CYS A 154 14.08 -5.01 -23.75
C CYS A 154 14.30 -4.34 -22.40
N LYS A 155 14.17 -5.14 -21.35
CA LYS A 155 14.43 -4.64 -19.97
C LYS A 155 15.97 -4.27 -19.84
N ASP A 156 16.83 -5.12 -20.37
CA ASP A 156 18.26 -4.87 -20.31
C ASP A 156 18.71 -3.74 -21.19
N ALA A 157 17.89 -3.42 -22.17
CA ALA A 157 18.13 -2.30 -23.02
C ALA A 157 17.68 -1.00 -22.31
N GLY A 158 16.94 -1.15 -21.20
CA GLY A 158 16.36 -0.01 -20.42
C GLY A 158 15.11 0.59 -21.11
N LEU A 159 14.62 -0.10 -22.15
CA LEU A 159 13.39 0.38 -22.85
C LEU A 159 12.12 0.10 -22.07
N ALA A 160 12.16 -0.95 -21.29
CA ALA A 160 11.12 -1.30 -20.31
C ALA A 160 11.73 -1.43 -18.93
N LYS A 161 11.30 -0.60 -17.95
CA LYS A 161 11.87 -0.75 -16.64
C LYS A 161 11.49 -2.12 -16.01
N SER A 162 10.25 -2.60 -16.23
CA SER A 162 9.80 -3.88 -15.76
C SER A 162 9.02 -4.56 -16.93
N ILE A 163 8.91 -5.88 -16.85
CA ILE A 163 8.16 -6.66 -17.79
C ILE A 163 7.20 -7.63 -17.05
N GLY A 164 6.00 -7.89 -17.64
CA GLY A 164 5.06 -8.79 -17.05
C GLY A 164 4.21 -9.37 -18.15
N VAL A 165 3.04 -9.84 -17.74
CA VAL A 165 2.18 -10.60 -18.67
C VAL A 165 0.74 -10.17 -18.39
N SER A 166 -0.17 -10.53 -19.26
CA SER A 166 -1.59 -10.26 -19.12
C SER A 166 -2.35 -11.45 -19.70
N ASN A 167 -3.54 -11.72 -19.10
CA ASN A 167 -4.37 -12.82 -19.49
C ASN A 167 -3.68 -14.17 -19.48
N PHE A 168 -2.68 -14.30 -18.61
CA PHE A 168 -2.08 -15.61 -18.42
C PHE A 168 -2.82 -16.36 -17.35
N ASN A 169 -2.94 -17.65 -17.58
CA ASN A 169 -3.39 -18.62 -16.57
C ASN A 169 -2.23 -19.30 -15.80
N HIS A 170 -2.63 -20.14 -14.83
CA HIS A 170 -1.67 -20.87 -14.01
C HIS A 170 -0.66 -21.60 -14.87
N ARG A 171 -1.15 -22.33 -15.87
CA ARG A 171 -0.21 -23.12 -16.72
C ARG A 171 0.77 -22.26 -17.47
N LEU A 172 0.25 -21.16 -18.02
CA LEU A 172 1.06 -20.27 -18.82
C LEU A 172 2.05 -19.50 -17.95
N LEU A 173 1.61 -19.05 -16.75
CA LEU A 173 2.59 -18.48 -15.79
C LEU A 173 3.70 -19.50 -15.42
N GLU A 174 3.29 -20.73 -15.11
CA GLU A 174 4.26 -21.73 -14.71
C GLU A 174 5.28 -21.99 -15.82
N MET A 175 4.78 -22.05 -17.04
CA MET A 175 5.60 -22.13 -18.22
C MET A 175 6.74 -21.11 -18.22
N ILE A 176 6.44 -19.86 -17.87
CA ILE A 176 7.48 -18.84 -17.81
C ILE A 176 8.38 -19.04 -16.57
N LEU A 177 7.75 -19.23 -15.42
CA LEU A 177 8.49 -19.33 -14.13
C LEU A 177 9.51 -20.48 -14.12
N ASN A 178 9.20 -21.54 -14.88
CA ASN A 178 10.06 -22.73 -14.92
C ASN A 178 11.02 -22.78 -16.06
N LYS A 179 11.11 -21.68 -16.82
CA LYS A 179 11.87 -21.66 -18.01
C LYS A 179 13.32 -21.84 -17.59
N PRO A 180 14.02 -22.82 -18.18
CA PRO A 180 15.45 -22.85 -17.94
C PRO A 180 16.07 -21.53 -18.34
N GLY A 181 16.96 -21.03 -17.48
CA GLY A 181 17.73 -19.85 -17.75
C GLY A 181 16.86 -18.61 -17.46
N LEU A 182 15.73 -18.78 -16.78
CA LEU A 182 14.83 -17.60 -16.54
C LEU A 182 15.66 -16.53 -15.87
N LYS A 183 15.61 -15.33 -16.41
CA LYS A 183 16.33 -14.19 -15.83
C LYS A 183 15.43 -13.24 -15.04
N TYR A 184 14.22 -12.93 -15.54
CA TYR A 184 13.31 -11.99 -14.80
C TYR A 184 11.97 -12.64 -14.80
N LYS A 185 11.42 -12.87 -13.62
CA LYS A 185 10.01 -13.23 -13.44
C LYS A 185 9.18 -12.08 -13.99
N PRO A 186 7.94 -12.40 -14.43
CA PRO A 186 6.93 -11.40 -14.70
C PRO A 186 6.67 -10.63 -13.38
N VAL A 187 6.64 -9.29 -13.43
CA VAL A 187 6.31 -8.55 -12.20
C VAL A 187 4.82 -8.61 -11.88
N CYS A 188 4.01 -8.90 -12.89
CA CYS A 188 2.55 -8.84 -12.74
C CYS A 188 1.84 -9.78 -13.74
N ASN A 189 0.56 -10.03 -13.46
CA ASN A 189 -0.37 -10.70 -14.37
C ASN A 189 -1.65 -9.88 -14.36
N GLN A 190 -1.78 -9.09 -15.42
CA GLN A 190 -3.00 -8.26 -15.58
C GLN A 190 -4.15 -9.06 -16.18
N VAL A 191 -5.22 -9.17 -15.39
CA VAL A 191 -6.32 -10.02 -15.73
C VAL A 191 -7.62 -9.37 -15.28
N GLU A 192 -8.72 -9.79 -15.87
CA GLU A 192 -10.05 -9.43 -15.38
C GLU A 192 -10.26 -9.79 -13.90
N CYS A 193 -10.72 -8.82 -13.13
CA CYS A 193 -10.89 -9.03 -11.68
C CYS A 193 -11.83 -8.01 -11.08
N HIS A 194 -12.87 -8.52 -10.44
CA HIS A 194 -14.03 -7.73 -9.88
C HIS A 194 -14.86 -8.61 -8.94
N PRO A 195 -15.84 -8.03 -8.17
CA PRO A 195 -16.60 -8.82 -7.16
C PRO A 195 -17.45 -9.97 -7.72
N TYR A 196 -17.74 -9.98 -9.03
CA TYR A 196 -18.37 -11.15 -9.64
C TYR A 196 -17.38 -12.16 -10.24
N PHE A 197 -16.09 -11.85 -10.19
CA PHE A 197 -15.04 -12.70 -10.72
C PHE A 197 -13.75 -12.36 -10.01
N ASN A 198 -13.63 -12.86 -8.78
CA ASN A 198 -12.68 -12.26 -7.86
C ASN A 198 -11.31 -12.87 -7.94
N GLN A 199 -11.15 -13.92 -8.75
CA GLN A 199 -9.85 -14.52 -8.99
C GLN A 199 -9.03 -14.95 -7.77
N ARG A 200 -9.72 -15.31 -6.68
CA ARG A 200 -9.02 -15.75 -5.48
C ARG A 200 -7.89 -16.78 -5.71
N LYS A 201 -8.21 -17.82 -6.48
CA LYS A 201 -7.22 -18.86 -6.73
C LYS A 201 -6.01 -18.34 -7.42
N LEU A 202 -6.27 -17.61 -8.52
CA LEU A 202 -5.17 -17.08 -9.32
C LEU A 202 -4.42 -16.00 -8.52
N LEU A 203 -5.17 -15.23 -7.75
CA LEU A 203 -4.57 -14.21 -6.84
C LEU A 203 -3.63 -14.85 -5.82
N ASP A 204 -4.10 -15.88 -5.12
CA ASP A 204 -3.23 -16.67 -4.22
C ASP A 204 -2.02 -17.21 -4.89
N PHE A 205 -2.23 -17.82 -6.06
CA PHE A 205 -1.05 -18.25 -6.76
C PHE A 205 -0.04 -17.12 -7.04
N CYS A 206 -0.50 -15.98 -7.56
CA CYS A 206 0.47 -14.91 -7.90
C CYS A 206 1.19 -14.41 -6.61
N LYS A 207 0.43 -14.26 -5.52
CA LYS A 207 1.05 -13.87 -4.22
C LYS A 207 2.19 -14.83 -3.88
N SER A 208 1.93 -16.13 -4.04
CA SER A 208 2.93 -17.15 -3.68
C SER A 208 4.22 -17.02 -4.50
N LYS A 209 4.15 -16.39 -5.69
CA LYS A 209 5.32 -16.14 -6.50
C LYS A 209 5.75 -14.68 -6.54
N ASP A 210 5.16 -13.89 -5.62
CA ASP A 210 5.40 -12.44 -5.57
C ASP A 210 5.21 -11.70 -6.92
N ILE A 211 4.15 -12.08 -7.57
CA ILE A 211 3.64 -11.49 -8.76
C ILE A 211 2.40 -10.74 -8.34
N VAL A 212 2.29 -9.49 -8.78
CA VAL A 212 1.14 -8.70 -8.49
C VAL A 212 0.07 -8.95 -9.52
N LEU A 213 -1.17 -9.13 -9.04
CA LEU A 213 -2.35 -9.23 -9.92
C LEU A 213 -2.81 -7.80 -10.16
N VAL A 214 -2.94 -7.41 -11.43
CA VAL A 214 -3.48 -6.13 -11.81
C VAL A 214 -4.86 -6.37 -12.41
N ALA A 215 -5.87 -5.73 -11.81
CA ALA A 215 -7.27 -5.94 -12.12
C ALA A 215 -7.70 -5.00 -13.21
N TYR A 216 -8.13 -5.62 -14.37
CA TYR A 216 -8.91 -4.85 -15.26
C TYR A 216 -10.43 -5.18 -15.21
N SER A 217 -11.22 -4.34 -15.85
CA SER A 217 -12.65 -4.37 -15.81
C SER A 217 -13.08 -4.47 -14.38
N ALA A 218 -12.40 -3.72 -13.50
CA ALA A 218 -12.68 -3.75 -12.07
C ALA A 218 -14.03 -3.17 -11.76
N LEU A 219 -14.55 -2.30 -12.65
CA LEU A 219 -15.93 -1.73 -12.56
C LEU A 219 -16.99 -2.47 -13.37
N GLY A 220 -16.61 -3.63 -13.91
CA GLY A 220 -17.56 -4.49 -14.65
C GLY A 220 -17.52 -4.29 -16.15
N SER A 221 -16.46 -3.62 -16.62
CA SER A 221 -16.11 -3.49 -18.07
C SER A 221 -16.78 -2.33 -18.83
N HIS A 222 -16.15 -1.95 -19.95
CA HIS A 222 -16.74 -1.08 -21.00
C HIS A 222 -18.10 -1.62 -21.59
N ARG A 223 -18.36 -2.91 -21.37
CA ARG A 223 -19.61 -3.57 -21.77
C ARG A 223 -19.83 -3.54 -23.28
N GLU A 224 -18.75 -3.46 -24.04
CA GLU A 224 -18.82 -3.12 -25.43
C GLU A 224 -19.21 -4.38 -26.20
N GLU A 225 -20.26 -4.28 -27.01
CA GLU A 225 -20.67 -5.40 -27.86
C GLU A 225 -19.87 -5.41 -29.15
N PRO A 226 -19.53 -6.61 -29.65
CA PRO A 226 -20.01 -7.91 -29.17
C PRO A 226 -19.12 -8.60 -28.13
N TRP A 227 -18.06 -7.92 -27.65
CA TRP A 227 -17.10 -8.54 -26.71
C TRP A 227 -17.71 -8.92 -25.37
N VAL A 228 -18.77 -8.19 -24.97
CA VAL A 228 -19.47 -8.47 -23.71
C VAL A 228 -20.95 -8.70 -24.01
N ASP A 229 -21.44 -9.83 -23.49
CA ASP A 229 -22.82 -10.28 -23.59
C ASP A 229 -23.68 -9.25 -22.90
N PRO A 230 -24.62 -8.62 -23.65
CA PRO A 230 -25.46 -7.58 -23.03
C PRO A 230 -26.38 -8.14 -21.91
N ASN A 231 -26.53 -9.46 -21.82
CA ASN A 231 -27.31 -10.08 -20.76
C ASN A 231 -26.53 -10.29 -19.46
N SER A 232 -25.21 -10.12 -19.48
CA SER A 232 -24.42 -10.21 -18.26
C SER A 232 -24.95 -9.13 -17.27
N PRO A 233 -25.00 -9.47 -15.96
CA PRO A 233 -25.49 -8.48 -14.99
C PRO A 233 -24.52 -7.30 -14.88
N VAL A 234 -25.05 -6.11 -14.61
CA VAL A 234 -24.23 -4.89 -14.50
C VAL A 234 -23.62 -4.83 -13.08
N LEU A 235 -22.31 -5.05 -12.95
CA LEU A 235 -21.65 -5.06 -11.65
C LEU A 235 -22.09 -3.88 -10.77
N LEU A 236 -21.99 -2.68 -11.34
CA LEU A 236 -22.25 -1.47 -10.52
C LEU A 236 -23.69 -1.29 -10.03
N GLU A 237 -24.60 -2.10 -10.56
CA GLU A 237 -26.01 -2.11 -10.12
C GLU A 237 -26.26 -3.09 -8.97
N ASP A 238 -25.22 -3.70 -8.44
CA ASP A 238 -25.36 -4.70 -7.39
C ASP A 238 -25.90 -4.08 -6.10
N PRO A 239 -26.93 -4.72 -5.47
CA PRO A 239 -27.57 -4.13 -4.29
C PRO A 239 -26.69 -4.09 -3.02
N VAL A 240 -25.83 -5.08 -2.87
CA VAL A 240 -24.85 -5.05 -1.78
C VAL A 240 -23.81 -3.94 -2.00
N LEU A 241 -23.26 -3.83 -3.19
CA LEU A 241 -22.37 -2.70 -3.50
C LEU A 241 -23.04 -1.34 -3.38
N CYS A 242 -24.29 -1.23 -3.84
CA CYS A 242 -25.05 0.02 -3.71
C CYS A 242 -25.39 0.32 -2.23
N ALA A 243 -25.64 -0.71 -1.43
CA ALA A 243 -25.93 -0.55 0.01
C ALA A 243 -24.66 -0.11 0.74
N LEU A 244 -23.54 -0.74 0.41
CA LEU A 244 -22.27 -0.32 1.00
C LEU A 244 -21.91 1.10 0.54
N ALA A 245 -22.07 1.41 -0.73
CA ALA A 245 -21.89 2.83 -1.15
C ALA A 245 -22.73 3.78 -0.30
N LYS A 246 -24.03 3.50 -0.24
CA LYS A 246 -24.96 4.38 0.42
C LYS A 246 -24.50 4.64 1.84
N LYS A 247 -24.14 3.56 2.53
CA LYS A 247 -23.66 3.61 3.89
C LYS A 247 -22.37 4.41 4.09
N HIS A 248 -21.48 4.42 3.10
CA HIS A 248 -20.22 5.12 3.22
C HIS A 248 -20.27 6.52 2.61
N LYS A 249 -21.44 6.96 2.13
CA LYS A 249 -21.58 8.13 1.20
C LYS A 249 -20.45 8.12 0.19
N ARG A 250 -20.35 7.01 -0.52
CA ARG A 250 -19.43 6.85 -1.63
C ARG A 250 -20.31 6.30 -2.79
N THR A 251 -19.75 5.54 -3.71
CA THR A 251 -20.41 5.03 -4.89
C THR A 251 -20.05 3.59 -5.06
N PRO A 252 -20.87 2.86 -5.84
CA PRO A 252 -20.53 1.45 -5.98
C PRO A 252 -19.14 1.24 -6.62
N ALA A 253 -18.75 2.16 -7.53
CA ALA A 253 -17.45 2.14 -8.17
C ALA A 253 -16.34 2.14 -7.12
N LEU A 254 -16.47 3.05 -6.18
CA LEU A 254 -15.41 3.24 -5.20
C LEU A 254 -15.28 2.05 -4.28
N ILE A 255 -16.43 1.44 -4.02
CA ILE A 255 -16.43 0.25 -3.20
C ILE A 255 -15.68 -0.92 -3.88
N ALA A 256 -15.95 -1.08 -5.18
CA ALA A 256 -15.39 -2.15 -5.98
C ALA A 256 -13.88 -1.90 -6.13
N LEU A 257 -13.47 -0.63 -6.28
CA LEU A 257 -12.05 -0.37 -6.29
C LEU A 257 -11.40 -0.55 -4.96
N ARG A 258 -11.97 -0.07 -3.88
CA ARG A 258 -11.38 -0.24 -2.55
C ARG A 258 -11.20 -1.71 -2.20
N TYR A 259 -12.18 -2.51 -2.55
CA TYR A 259 -12.12 -3.98 -2.32
C TYR A 259 -10.81 -4.55 -2.86
N GLN A 260 -10.49 -4.21 -4.12
CA GLN A 260 -9.23 -4.67 -4.70
C GLN A 260 -8.03 -4.19 -3.98
N LEU A 261 -8.04 -2.91 -3.52
CA LEU A 261 -6.76 -2.43 -2.95
C LEU A 261 -6.52 -3.21 -1.69
N GLN A 262 -7.58 -3.47 -0.97
CA GLN A 262 -7.43 -4.06 0.38
C GLN A 262 -7.03 -5.53 0.28
N ARG A 263 -7.38 -6.22 -0.82
CA ARG A 263 -6.97 -7.62 -0.94
C ARG A 263 -5.55 -7.73 -1.60
N GLY A 264 -4.89 -6.62 -1.95
CA GLY A 264 -3.51 -6.65 -2.36
C GLY A 264 -3.41 -6.66 -3.91
N VAL A 265 -4.51 -6.30 -4.55
CA VAL A 265 -4.59 -6.20 -5.99
C VAL A 265 -4.30 -4.70 -6.39
N VAL A 266 -3.54 -4.48 -7.42
CA VAL A 266 -3.43 -3.22 -8.10
C VAL A 266 -4.59 -3.07 -9.03
N VAL A 267 -5.26 -1.93 -8.99
CA VAL A 267 -6.57 -1.80 -9.70
C VAL A 267 -6.56 -0.68 -10.71
N LEU A 268 -7.05 -1.03 -11.92
CA LEU A 268 -7.27 -0.05 -12.95
C LEU A 268 -8.67 0.45 -12.93
N ALA A 269 -8.83 1.66 -13.47
CA ALA A 269 -10.17 2.22 -13.59
C ALA A 269 -10.16 3.12 -14.77
N LYS A 270 -10.98 2.84 -15.78
CA LYS A 270 -11.13 3.77 -16.82
C LYS A 270 -12.31 4.67 -16.68
N SER A 271 -12.13 5.91 -17.09
CA SER A 271 -13.25 6.86 -17.20
C SER A 271 -12.77 8.06 -18.07
N TYR A 272 -13.61 8.50 -18.98
CA TYR A 272 -13.34 9.71 -19.79
C TYR A 272 -14.29 10.83 -19.34
N ASN A 273 -14.91 10.65 -18.18
CA ASN A 273 -15.76 11.65 -17.58
C ASN A 273 -15.03 12.43 -16.47
N GLU A 274 -14.87 13.75 -16.58
CA GLU A 274 -14.10 14.51 -15.59
C GLU A 274 -14.52 14.24 -14.12
N GLN A 275 -15.82 14.20 -13.86
CA GLN A 275 -16.33 13.98 -12.52
C GLN A 275 -15.92 12.62 -12.00
N ARG A 276 -16.09 11.59 -12.81
CA ARG A 276 -15.85 10.23 -12.34
C ARG A 276 -14.33 9.98 -12.21
N ILE A 277 -13.54 10.62 -13.06
CA ILE A 277 -12.06 10.54 -12.94
C ILE A 277 -11.63 11.03 -11.55
N ARG A 278 -12.08 12.20 -11.19
CA ARG A 278 -11.83 12.72 -9.86
C ARG A 278 -12.42 11.93 -8.71
N GLN A 279 -13.60 11.36 -8.92
CA GLN A 279 -14.24 10.51 -7.92
C GLN A 279 -13.35 9.30 -7.64
N ASN A 280 -12.86 8.68 -8.68
CA ASN A 280 -12.10 7.42 -8.48
C ASN A 280 -10.83 7.50 -7.58
N VAL A 281 -10.18 8.65 -7.53
N VAL A 281 -10.20 8.65 -7.54
CA VAL A 281 -9.04 8.83 -6.64
CA VAL A 281 -9.05 8.85 -6.67
C VAL A 281 -9.46 8.88 -5.15
C VAL A 281 -9.46 8.87 -5.17
N GLN A 282 -10.76 8.98 -4.87
CA GLN A 282 -11.26 9.03 -3.45
C GLN A 282 -11.12 7.64 -2.87
N VAL A 283 -10.72 6.64 -3.68
CA VAL A 283 -10.54 5.30 -3.13
C VAL A 283 -9.48 5.29 -1.97
N PHE A 284 -8.64 6.29 -1.92
CA PHE A 284 -7.64 6.44 -0.80
C PHE A 284 -8.19 7.17 0.41
N GLU A 285 -9.49 7.53 0.39
CA GLU A 285 -10.03 8.33 1.51
C GLU A 285 -10.90 7.57 2.50
N PHE A 286 -11.08 6.29 2.25
CA PHE A 286 -11.86 5.46 3.16
C PHE A 286 -11.37 4.05 3.15
N GLN A 287 -11.88 3.27 4.09
CA GLN A 287 -11.51 1.88 4.25
C GLN A 287 -12.78 1.05 4.53
N LEU A 288 -12.68 -0.25 4.22
CA LEU A 288 -13.75 -1.20 4.44
C LEU A 288 -13.35 -2.16 5.59
N THR A 289 -14.30 -2.51 6.42
CA THR A 289 -14.03 -3.42 7.55
C THR A 289 -13.95 -4.85 7.04
N SER A 290 -13.45 -5.75 7.89
CA SER A 290 -13.41 -7.19 7.57
C SER A 290 -14.79 -7.75 7.16
N GLU A 291 -15.81 -7.36 7.87
CA GLU A 291 -17.19 -7.80 7.56
C GLU A 291 -17.70 -7.32 6.19
N GLU A 292 -17.34 -6.09 5.82
CA GLU A 292 -17.64 -5.53 4.49
C GLU A 292 -16.89 -6.26 3.38
N MET A 293 -15.59 -6.49 3.57
CA MET A 293 -14.79 -7.26 2.66
C MET A 293 -15.39 -8.68 2.44
N LYS A 294 -15.75 -9.39 3.52
CA LYS A 294 -16.32 -10.74 3.39
C LYS A 294 -17.65 -10.72 2.63
N ALA A 295 -18.43 -9.66 2.87
CA ALA A 295 -19.65 -9.36 2.12
C ALA A 295 -19.38 -9.28 0.59
N ILE A 296 -18.27 -8.63 0.22
CA ILE A 296 -17.99 -8.44 -1.19
C ILE A 296 -17.47 -9.75 -1.75
N ASP A 297 -16.67 -10.48 -0.96
CA ASP A 297 -16.28 -11.83 -1.32
C ASP A 297 -17.48 -12.69 -1.74
N GLY A 298 -18.59 -12.58 -1.03
CA GLY A 298 -19.81 -13.38 -1.26
C GLY A 298 -20.55 -13.11 -2.56
N LEU A 299 -20.20 -12.02 -3.24
CA LEU A 299 -20.74 -11.63 -4.53
C LEU A 299 -20.21 -12.48 -5.64
N ASN A 300 -19.15 -13.23 -5.38
CA ASN A 300 -18.45 -13.95 -6.43
C ASN A 300 -19.31 -14.95 -7.17
N ARG A 301 -19.16 -14.99 -8.48
CA ARG A 301 -19.99 -15.88 -9.23
C ARG A 301 -19.50 -16.40 -10.54
N ASN A 302 -18.23 -16.39 -10.77
CA ASN A 302 -17.70 -16.82 -12.05
C ASN A 302 -18.32 -16.16 -13.30
N VAL A 303 -18.51 -14.85 -13.24
CA VAL A 303 -19.01 -14.08 -14.39
C VAL A 303 -17.78 -13.47 -14.98
N ARG A 304 -17.28 -14.11 -16.04
CA ARG A 304 -16.19 -13.53 -16.79
C ARG A 304 -16.80 -12.74 -17.94
N TYR A 305 -16.56 -11.43 -17.94
CA TYR A 305 -17.16 -10.50 -18.90
C TYR A 305 -16.48 -10.61 -20.27
N LEU A 306 -15.14 -10.77 -20.25
CA LEU A 306 -14.29 -10.65 -21.43
C LEU A 306 -13.47 -11.92 -21.77
N THR A 307 -13.79 -12.52 -22.94
CA THR A 307 -13.21 -13.79 -23.34
C THR A 307 -12.36 -13.77 -24.61
N LEU A 308 -12.39 -12.70 -25.40
CA LEU A 308 -11.66 -12.67 -26.70
C LEU A 308 -11.79 -14.00 -27.50
N ASP A 309 -13.00 -14.44 -27.70
CA ASP A 309 -13.16 -15.83 -28.09
C ASP A 309 -12.94 -15.92 -29.58
N ILE A 310 -12.67 -14.76 -30.24
CA ILE A 310 -12.19 -14.82 -31.59
C ILE A 310 -10.79 -15.52 -31.62
N PHE A 311 -10.13 -15.62 -30.44
CA PHE A 311 -8.79 -16.23 -30.29
C PHE A 311 -8.79 -17.58 -29.56
N ALA A 312 -9.97 -18.11 -29.38
CA ALA A 312 -10.15 -19.48 -28.89
C ALA A 312 -9.75 -20.52 -29.94
N GLY A 313 -9.29 -21.72 -29.49
CA GLY A 313 -8.96 -22.82 -30.45
C GLY A 313 -7.50 -23.23 -30.33
N PRO A 314 -6.58 -22.28 -30.54
CA PRO A 314 -5.19 -22.64 -30.26
C PRO A 314 -4.91 -23.05 -28.79
N PRO A 315 -3.87 -23.85 -28.57
CA PRO A 315 -3.61 -24.44 -27.26
C PRO A 315 -3.37 -23.38 -26.16
N ASN A 316 -2.73 -22.28 -26.56
CA ASN A 316 -2.47 -21.14 -25.58
C ASN A 316 -3.65 -20.26 -25.21
N TYR A 317 -4.81 -20.44 -25.80
CA TYR A 317 -5.98 -19.73 -25.32
C TYR A 317 -6.15 -19.99 -23.82
N PRO A 318 -6.24 -18.90 -23.02
CA PRO A 318 -6.11 -19.08 -21.58
C PRO A 318 -7.33 -19.45 -20.78
N PHE A 319 -8.51 -19.25 -21.31
CA PHE A 319 -9.71 -19.44 -20.56
C PHE A 319 -10.35 -20.79 -20.92
N SER B 3 14.25 5.22 -4.01
CA SER B 3 13.68 6.55 -3.59
C SER B 3 12.12 6.62 -3.68
N LYS B 4 11.47 5.53 -4.08
CA LYS B 4 10.07 5.31 -3.82
C LYS B 4 9.99 4.25 -2.74
N TYR B 5 8.91 4.21 -1.98
CA TYR B 5 8.65 3.23 -0.92
C TYR B 5 7.09 3.23 -0.57
N GLN B 6 6.60 2.17 0.12
CA GLN B 6 5.20 1.99 0.37
CA GLN B 6 5.17 1.98 0.38
C GLN B 6 4.73 2.86 1.55
N CYS B 7 3.74 3.70 1.23
CA CYS B 7 3.07 4.62 2.16
C CYS B 7 1.57 4.42 2.04
N VAL B 8 0.89 4.90 3.06
CA VAL B 8 -0.52 4.95 3.13
C VAL B 8 -0.90 6.42 3.21
N LYS B 9 -2.07 6.75 2.65
CA LYS B 9 -2.61 8.13 2.77
C LYS B 9 -3.39 8.26 4.09
N LEU B 10 -3.03 9.28 4.89
CA LEU B 10 -3.70 9.57 6.10
C LEU B 10 -4.96 10.37 5.85
N ASN B 11 -5.76 10.48 6.91
CA ASN B 11 -7.07 11.19 6.84
C ASN B 11 -6.92 12.77 6.74
N ASP B 12 -5.71 13.23 6.93
CA ASP B 12 -5.37 14.62 6.73
C ASP B 12 -4.62 14.93 5.48
N GLY B 13 -4.53 13.93 4.60
CA GLY B 13 -3.90 14.15 3.25
C GLY B 13 -2.37 13.83 3.25
N HIS B 14 -1.76 13.73 4.42
CA HIS B 14 -0.30 13.37 4.46
C HIS B 14 -0.12 11.85 4.24
N PHE B 15 1.13 11.39 4.10
CA PHE B 15 1.35 10.00 3.73
C PHE B 15 2.34 9.46 4.78
N MET B 16 2.05 8.27 5.27
CA MET B 16 2.88 7.60 6.31
C MET B 16 3.54 6.35 5.71
N PRO B 17 4.88 6.22 5.81
CA PRO B 17 5.45 4.95 5.33
C PRO B 17 4.97 3.77 6.17
N VAL B 18 4.64 2.67 5.50
CA VAL B 18 3.97 1.55 6.16
C VAL B 18 4.81 0.65 7.10
N LEU B 19 6.09 0.74 6.97
CA LEU B 19 7.00 0.05 7.94
C LEU B 19 7.77 1.14 8.67
N GLY B 20 7.72 1.14 9.98
CA GLY B 20 8.47 2.12 10.73
C GLY B 20 9.51 1.44 11.65
N PHE B 21 10.47 2.23 12.07
CA PHE B 21 11.51 1.78 12.98
C PHE B 21 11.31 2.26 14.40
N GLY B 22 11.26 1.31 15.31
CA GLY B 22 11.04 1.56 16.72
C GLY B 22 12.35 1.86 17.38
N THR B 23 12.33 2.82 18.32
CA THR B 23 13.60 3.34 18.84
C THR B 23 13.77 3.18 20.32
N TYR B 24 12.78 2.63 20.98
CA TYR B 24 12.91 2.47 22.40
C TYR B 24 13.82 1.31 22.75
N ALA B 25 14.63 1.52 23.78
CA ALA B 25 15.38 0.43 24.40
C ALA B 25 15.32 0.62 25.91
N PRO B 26 15.35 -0.48 26.71
CA PRO B 26 15.30 -0.26 28.18
C PRO B 26 16.49 0.59 28.65
N ALA B 27 16.32 1.34 29.75
CA ALA B 27 17.36 2.27 30.24
C ALA B 27 18.73 1.62 30.54
N GLU B 28 18.74 0.29 30.70
CA GLU B 28 19.97 -0.53 30.79
C GLU B 28 20.90 -0.38 29.56
N VAL B 29 20.33 -0.06 28.39
CA VAL B 29 21.10 0.11 27.14
C VAL B 29 21.53 1.58 26.99
N PRO B 30 22.83 1.84 26.76
CA PRO B 30 23.32 3.21 26.58
C PRO B 30 22.69 3.97 25.39
N LYS B 31 22.57 5.29 25.54
CA LYS B 31 21.85 6.14 24.60
C LYS B 31 22.38 6.08 23.16
N SER B 32 23.69 5.91 23.00
CA SER B 32 24.29 5.90 21.67
C SER B 32 24.05 4.61 20.86
N LYS B 33 23.49 3.58 21.49
CA LYS B 33 23.00 2.44 20.75
C LYS B 33 21.85 2.93 19.82
N ALA B 34 21.03 3.88 20.26
CA ALA B 34 19.83 4.28 19.48
C ALA B 34 20.26 5.09 18.26
N LEU B 35 21.23 5.98 18.49
CA LEU B 35 21.91 6.72 17.44
C LEU B 35 22.42 5.86 16.27
N GLU B 36 22.94 4.67 16.61
CA GLU B 36 23.58 3.82 15.61
C GLU B 36 22.54 2.98 14.87
N ALA B 37 21.59 2.41 15.65
CA ALA B 37 20.48 1.69 15.11
C ALA B 37 19.60 2.49 14.13
N VAL B 38 19.38 3.79 14.41
CA VAL B 38 18.57 4.68 13.55
C VAL B 38 19.32 4.91 12.23
N LYS B 39 20.58 5.30 12.32
CA LYS B 39 21.44 5.47 11.16
C LYS B 39 21.44 4.25 10.22
N LEU B 40 21.50 3.05 10.82
CA LEU B 40 21.42 1.79 10.07
C LEU B 40 20.02 1.56 9.51
N ALA B 41 19.01 1.97 10.26
CA ALA B 41 17.63 1.71 9.83
C ALA B 41 17.37 2.43 8.50
N ILE B 42 17.85 3.67 8.46
CA ILE B 42 17.72 4.53 7.30
C ILE B 42 18.47 3.97 6.13
N GLU B 43 19.75 3.69 6.36
CA GLU B 43 20.56 3.06 5.35
C GLU B 43 19.88 1.92 4.65
N ALA B 44 19.28 1.04 5.46
CA ALA B 44 18.60 -0.17 5.01
C ALA B 44 17.24 0.07 4.35
N GLY B 45 16.78 1.30 4.25
CA GLY B 45 15.46 1.54 3.72
C GLY B 45 14.28 1.86 4.64
N PHE B 46 14.48 2.04 5.93
CA PHE B 46 13.34 2.52 6.77
C PHE B 46 13.18 4.03 6.49
N HIS B 47 11.92 4.49 6.25
CA HIS B 47 11.63 5.90 5.99
C HIS B 47 10.74 6.55 7.09
N HIS B 48 10.41 5.74 8.08
CA HIS B 48 9.53 6.08 9.18
C HIS B 48 10.29 5.71 10.46
N ILE B 49 10.42 6.69 11.36
CA ILE B 49 11.15 6.52 12.63
CA ILE B 49 11.14 6.52 12.63
C ILE B 49 10.21 6.94 13.76
N ASP B 50 10.03 6.08 14.73
CA ASP B 50 9.14 6.28 15.81
C ASP B 50 9.87 6.50 17.15
N SER B 51 9.71 7.68 17.76
CA SER B 51 10.19 7.88 19.08
C SER B 51 9.15 8.60 19.97
N ALA B 52 9.65 9.16 21.07
CA ALA B 52 8.83 9.80 22.08
C ALA B 52 9.68 10.53 23.08
N HIS B 53 9.07 11.45 23.79
CA HIS B 53 9.76 12.18 24.88
C HIS B 53 10.22 11.23 25.98
N VAL B 54 9.34 10.34 26.34
CA VAL B 54 9.58 9.44 27.47
C VAL B 54 10.66 8.39 27.20
N TYR B 55 11.04 8.17 25.91
CA TYR B 55 12.07 7.19 25.59
C TYR B 55 13.42 7.80 25.90
N ASN B 56 13.46 9.09 26.24
CA ASN B 56 14.74 9.74 26.53
C ASN B 56 15.89 9.43 25.53
N ASN B 57 15.66 9.63 24.23
CA ASN B 57 16.62 9.35 23.17
C ASN B 57 16.55 10.33 22.06
N GLU B 58 15.68 11.35 22.16
CA GLU B 58 15.45 12.24 21.03
C GLU B 58 16.68 12.98 20.58
N GLU B 59 17.56 13.34 21.53
CA GLU B 59 18.83 13.89 21.17
C GLU B 59 19.60 12.97 20.14
N GLN B 60 19.64 11.69 20.43
CA GLN B 60 20.37 10.70 19.64
C GLN B 60 19.64 10.40 18.34
N VAL B 61 18.31 10.30 18.41
CA VAL B 61 17.51 9.97 17.23
C VAL B 61 17.60 11.12 16.23
N GLY B 62 17.56 12.36 16.73
CA GLY B 62 17.68 13.56 15.97
C GLY B 62 18.98 13.70 15.29
N LEU B 63 20.03 13.43 16.03
CA LEU B 63 21.38 13.34 15.47
C LEU B 63 21.47 12.35 14.32
N ALA B 64 21.05 11.11 14.56
CA ALA B 64 20.98 10.08 13.48
C ALA B 64 20.31 10.62 12.27
N ILE B 65 19.05 10.99 12.44
CA ILE B 65 18.33 11.56 11.34
C ILE B 65 19.11 12.65 10.59
N ARG B 66 19.56 13.70 11.30
CA ARG B 66 20.14 14.96 10.68
C ARG B 66 21.53 14.81 10.00
N SER B 67 22.12 13.67 10.29
CA SER B 67 23.38 13.33 9.73
C SER B 67 23.19 12.21 8.67
N LYS B 68 22.13 11.39 8.72
CA LYS B 68 21.75 10.55 7.53
C LYS B 68 21.20 11.45 6.45
N ILE B 69 20.82 12.68 6.85
CA ILE B 69 20.39 13.75 5.95
C ILE B 69 21.63 14.35 5.36
N ALA B 70 22.41 15.10 6.15
CA ALA B 70 23.63 15.72 5.66
C ALA B 70 24.57 14.71 4.91
N ASP B 71 24.52 13.42 5.25
CA ASP B 71 25.20 12.37 4.47
C ASP B 71 24.43 11.94 3.17
N GLY B 72 23.37 12.67 2.78
CA GLY B 72 22.61 12.40 1.55
C GLY B 72 21.99 10.98 1.42
N SER B 73 21.98 10.12 2.45
CA SER B 73 21.18 8.87 2.36
C SER B 73 19.67 9.14 2.27
N VAL B 74 19.28 10.33 2.73
CA VAL B 74 17.88 10.70 2.84
C VAL B 74 17.63 12.23 2.88
N LYS B 75 16.48 12.62 2.32
CA LYS B 75 15.99 14.00 2.38
C LYS B 75 14.91 14.04 3.51
N ARG B 76 14.79 15.23 4.12
CA ARG B 76 13.89 15.47 5.28
C ARG B 76 12.50 15.06 4.90
N GLU B 77 12.13 15.41 3.66
CA GLU B 77 10.80 15.07 3.18
C GLU B 77 10.62 13.57 2.94
N ASP B 78 11.71 12.76 3.00
CA ASP B 78 11.59 11.33 2.94
C ASP B 78 11.89 10.61 4.27
N ILE B 79 11.81 11.36 5.37
CA ILE B 79 11.83 10.81 6.73
C ILE B 79 10.47 11.25 7.34
N PHE B 80 9.77 10.25 7.86
CA PHE B 80 8.56 10.44 8.60
C PHE B 80 8.97 10.18 10.02
N TYR B 81 9.01 11.25 10.83
CA TYR B 81 9.38 11.14 12.26
C TYR B 81 8.19 11.39 13.20
N THR B 82 8.01 10.46 14.14
CA THR B 82 6.91 10.48 15.14
C THR B 82 7.54 10.77 16.50
N SER B 83 7.00 11.78 17.14
CA SER B 83 7.14 11.97 18.60
C SER B 83 5.82 11.84 19.31
N LYS B 84 5.91 11.83 20.69
CA LYS B 84 4.70 11.61 21.45
C LYS B 84 4.77 12.48 22.69
N LEU B 85 3.60 13.01 22.96
CA LEU B 85 3.35 13.88 24.14
C LEU B 85 3.21 12.92 25.32
N TRP B 86 4.07 13.15 26.33
CA TRP B 86 3.91 12.31 27.56
C TRP B 86 2.78 12.88 28.52
N SER B 87 2.34 12.02 29.45
CA SER B 87 1.25 12.23 30.31
C SER B 87 1.43 13.34 31.32
N ASN B 88 2.64 13.75 31.56
CA ASN B 88 2.86 14.91 32.40
C ASN B 88 2.65 16.29 31.71
N SER B 89 2.27 16.26 30.42
CA SER B 89 2.09 17.45 29.59
C SER B 89 0.73 17.46 28.84
N HIS B 90 -0.22 16.69 29.35
CA HIS B 90 -1.66 16.79 29.01
C HIS B 90 -2.29 18.19 29.03
N ARG B 91 -1.95 18.95 30.04
CA ARG B 91 -2.65 20.16 30.24
C ARG B 91 -2.48 21.04 29.05
N PRO B 92 -3.54 21.67 28.63
CA PRO B 92 -3.46 22.40 27.31
C PRO B 92 -2.34 23.38 27.15
N GLU B 93 -2.04 24.20 28.16
CA GLU B 93 -0.93 25.10 28.04
C GLU B 93 0.42 24.46 28.06
N LEU B 94 0.52 23.17 28.41
CA LEU B 94 1.82 22.50 28.37
C LEU B 94 2.10 21.74 27.03
N VAL B 95 1.10 21.49 26.23
CA VAL B 95 1.26 20.67 24.96
C VAL B 95 2.26 21.25 23.96
N ARG B 96 2.07 22.46 23.51
CA ARG B 96 3.03 23.04 22.59
C ARG B 96 4.43 23.12 23.22
N PRO B 97 4.58 23.55 24.49
CA PRO B 97 5.93 23.51 25.02
C PRO B 97 6.56 22.16 25.04
N ALA B 98 5.80 21.12 25.34
CA ALA B 98 6.37 19.76 25.23
C ALA B 98 6.82 19.35 23.81
N LEU B 99 6.10 19.84 22.83
CA LEU B 99 6.51 19.58 21.40
C LEU B 99 7.77 20.39 21.03
N GLU B 100 7.86 21.61 21.54
CA GLU B 100 8.95 22.57 21.27
C GLU B 100 10.17 22.02 21.95
N ARG B 101 10.04 21.39 23.13
CA ARG B 101 11.14 20.78 23.82
C ARG B 101 11.69 19.55 23.06
N SER B 102 10.82 18.69 22.61
CA SER B 102 11.14 17.59 21.69
C SER B 102 11.90 18.09 20.45
N LEU B 103 11.37 19.13 19.86
CA LEU B 103 11.93 19.73 18.67
C LEU B 103 13.34 20.25 18.94
N LYS B 104 13.56 20.96 20.08
CA LYS B 104 14.88 21.42 20.48
C LYS B 104 15.84 20.31 20.71
N ASN B 105 15.40 19.20 21.27
CA ASN B 105 16.27 18.10 21.47
C ASN B 105 16.72 17.52 20.10
N LEU B 106 15.77 17.37 19.24
CA LEU B 106 16.02 16.81 17.89
C LEU B 106 16.79 17.77 16.97
N GLN B 107 16.76 19.06 17.24
CA GLN B 107 17.14 20.11 16.28
C GLN B 107 16.48 19.89 14.91
N LEU B 108 15.19 19.55 14.95
CA LEU B 108 14.29 19.53 13.73
C LEU B 108 13.25 20.67 13.84
N ASP B 109 12.72 21.14 12.72
CA ASP B 109 11.77 22.27 12.71
C ASP B 109 10.33 21.82 13.02
N TYR B 110 10.08 20.58 12.63
CA TYR B 110 8.77 19.93 12.74
C TYR B 110 8.90 18.42 12.93
N VAL B 111 7.84 17.81 13.48
CA VAL B 111 7.65 16.35 13.48
C VAL B 111 6.62 16.02 12.42
N ASP B 112 6.75 14.88 11.73
CA ASP B 112 5.65 14.45 10.90
C ASP B 112 4.42 14.04 11.65
N LEU B 113 4.56 13.51 12.84
CA LEU B 113 3.39 12.98 13.57
C LEU B 113 3.64 13.23 15.10
N TYR B 114 2.66 13.76 15.80
CA TYR B 114 2.73 13.93 17.26
C TYR B 114 1.54 13.25 17.82
N LEU B 115 1.79 12.34 18.75
CA LEU B 115 0.75 11.51 19.35
C LEU B 115 0.51 11.85 20.82
N ILE B 116 -0.74 11.82 21.28
CA ILE B 116 -0.97 11.65 22.74
C ILE B 116 -0.57 10.17 23.12
N HIS B 117 0.53 10.06 23.86
CA HIS B 117 1.18 8.77 24.14
C HIS B 117 0.27 7.81 24.88
N PHE B 118 -0.48 8.29 25.86
CA PHE B 118 -1.23 7.45 26.75
C PHE B 118 -2.34 8.26 27.40
N PRO B 119 -3.57 7.72 27.49
CA PRO B 119 -4.72 8.64 27.80
C PRO B 119 -4.79 9.09 29.27
N VAL B 120 -4.05 8.44 30.15
CA VAL B 120 -4.01 8.77 31.60
C VAL B 120 -3.05 9.95 31.77
N SER B 121 -3.42 10.95 32.55
CA SER B 121 -2.60 12.08 32.87
C SER B 121 -1.92 11.95 34.22
N VAL B 122 -0.67 12.46 34.30
CA VAL B 122 0.01 12.60 35.60
C VAL B 122 0.42 14.00 35.89
N LYS B 123 0.74 14.28 37.16
CA LYS B 123 1.14 15.63 37.50
C LYS B 123 2.31 16.25 36.71
N PRO B 124 2.19 17.53 36.29
CA PRO B 124 3.24 18.15 35.61
C PRO B 124 4.56 18.23 36.43
N GLY B 125 5.69 18.19 35.73
CA GLY B 125 7.06 18.28 36.28
C GLY B 125 7.94 17.42 35.50
N GLU B 126 9.25 17.41 35.83
CA GLU B 126 10.22 16.73 35.02
C GLU B 126 9.95 15.25 35.04
N GLU B 127 9.55 14.78 36.22
CA GLU B 127 9.42 13.32 36.44
C GLU B 127 8.33 12.76 35.60
N VAL B 128 8.69 11.80 34.77
CA VAL B 128 7.69 11.14 33.90
C VAL B 128 6.70 10.17 34.66
N ILE B 129 7.10 9.55 35.77
CA ILE B 129 6.22 8.76 36.62
C ILE B 129 6.29 9.33 38.05
N PRO B 130 5.62 10.43 38.28
CA PRO B 130 5.75 11.07 39.61
C PRO B 130 4.98 10.24 40.65
N LYS B 131 5.62 10.12 41.80
CA LYS B 131 4.99 9.39 42.94
C LYS B 131 4.98 10.21 44.21
N ASP B 132 4.01 9.85 45.04
CA ASP B 132 3.81 10.59 46.30
C ASP B 132 4.60 9.81 47.41
N GLU B 133 4.52 10.29 48.66
N GLU B 133 4.44 10.31 48.64
CA GLU B 133 5.31 9.72 49.79
CA GLU B 133 5.14 9.83 49.84
C GLU B 133 5.03 8.22 50.06
C GLU B 133 4.90 8.36 50.24
N ASN B 134 3.82 7.78 49.74
CA ASN B 134 3.45 6.34 49.91
C ASN B 134 3.78 5.56 48.66
N GLY B 135 4.42 6.19 47.68
CA GLY B 135 4.90 5.39 46.50
C GLY B 135 3.80 5.21 45.47
N LYS B 136 2.72 6.00 45.58
CA LYS B 136 1.59 5.93 44.66
C LYS B 136 1.80 6.97 43.58
N ILE B 137 1.31 6.67 42.38
CA ILE B 137 1.45 7.61 41.25
C ILE B 137 0.68 8.86 41.54
N LEU B 138 1.30 10.00 41.17
CA LEU B 138 0.55 11.29 41.21
C LEU B 138 -0.25 11.49 39.91
N PHE B 139 -1.44 10.93 39.83
CA PHE B 139 -2.35 11.13 38.64
C PHE B 139 -2.82 12.59 38.63
N ASP B 140 -3.14 13.08 37.48
CA ASP B 140 -3.75 14.41 37.32
C ASP B 140 -5.13 14.17 36.66
N THR B 141 -5.94 15.21 36.56
CA THR B 141 -7.19 15.16 35.83
C THR B 141 -7.12 16.22 34.76
N VAL B 142 -7.28 15.80 33.51
CA VAL B 142 -7.21 16.71 32.39
C VAL B 142 -8.20 16.26 31.36
N ASP B 143 -9.05 17.19 30.92
CA ASP B 143 -9.94 16.86 29.84
C ASP B 143 -9.14 16.51 28.59
N LEU B 144 -9.27 15.31 28.07
CA LEU B 144 -8.59 14.99 26.81
C LEU B 144 -8.99 15.83 25.59
N CYS B 145 -10.25 16.24 25.56
CA CYS B 145 -10.71 17.13 24.54
C CYS B 145 -9.95 18.42 24.50
N ALA B 146 -9.67 18.94 25.67
CA ALA B 146 -8.77 20.06 25.75
C ALA B 146 -7.30 19.80 25.25
N THR B 147 -6.70 18.67 25.60
CA THR B 147 -5.34 18.32 25.13
C THR B 147 -5.42 18.20 23.60
N TRP B 148 -6.51 17.64 23.12
CA TRP B 148 -6.63 17.45 21.67
C TRP B 148 -6.68 18.83 20.94
N GLU B 149 -7.56 19.72 21.43
CA GLU B 149 -7.58 21.09 20.86
C GLU B 149 -6.16 21.65 20.89
N ALA B 150 -5.34 21.49 21.93
CA ALA B 150 -3.94 21.94 21.99
C ALA B 150 -3.04 21.25 20.94
N MET B 151 -3.32 19.99 20.66
CA MET B 151 -2.68 19.22 19.55
C MET B 151 -2.99 19.82 18.23
N GLU B 152 -4.26 20.12 17.99
CA GLU B 152 -4.66 20.84 16.78
C GLU B 152 -3.92 22.07 16.54
N LYS B 153 -3.77 22.90 17.60
CA LYS B 153 -3.09 24.11 17.35
C LYS B 153 -1.57 23.84 17.03
N CYS B 154 -0.98 22.76 17.49
CA CYS B 154 0.40 22.36 17.11
C CYS B 154 0.44 22.01 15.59
N LYS B 155 -0.59 21.42 15.10
CA LYS B 155 -0.66 21.09 13.66
C LYS B 155 -0.84 22.41 12.90
N ASP B 156 -1.74 23.24 13.34
CA ASP B 156 -1.90 24.53 12.62
C ASP B 156 -0.71 25.45 12.60
N ALA B 157 0.09 25.40 13.64
CA ALA B 157 1.33 26.10 13.72
C ALA B 157 2.47 25.50 12.93
N GLY B 158 2.23 24.36 12.25
CA GLY B 158 3.23 23.75 11.47
C GLY B 158 4.33 22.99 12.21
N LEU B 159 4.16 22.80 13.51
CA LEU B 159 5.13 22.10 14.32
C LEU B 159 4.97 20.58 14.24
N ALA B 160 3.75 20.11 13.96
CA ALA B 160 3.47 18.71 13.66
C ALA B 160 2.70 18.68 12.34
N LYS B 161 3.12 17.81 11.42
CA LYS B 161 2.39 17.69 10.16
C LYS B 161 1.06 17.06 10.37
N SER B 162 1.04 15.96 11.17
CA SER B 162 -0.15 15.24 11.46
C SER B 162 -0.20 14.93 12.99
N ILE B 163 -1.39 14.71 13.49
CA ILE B 163 -1.62 14.40 14.94
C ILE B 163 -2.46 13.15 15.09
N GLY B 164 -2.14 12.37 16.11
CA GLY B 164 -2.79 11.05 16.38
C GLY B 164 -2.76 10.70 17.80
N VAL B 165 -3.16 9.48 18.12
CA VAL B 165 -3.25 9.01 19.49
C VAL B 165 -2.58 7.66 19.64
N SER B 166 -2.31 7.29 20.88
CA SER B 166 -1.71 5.99 21.15
C SER B 166 -2.43 5.45 22.34
N ASN B 167 -2.65 4.13 22.35
CA ASN B 167 -3.29 3.42 23.48
C ASN B 167 -4.70 3.88 23.85
N PHE B 168 -5.40 4.32 22.84
CA PHE B 168 -6.78 4.67 22.93
C PHE B 168 -7.65 3.47 22.63
N ASN B 169 -8.73 3.35 23.38
CA ASN B 169 -9.80 2.39 23.13
C ASN B 169 -10.96 3.05 22.42
N HIS B 170 -11.99 2.25 22.09
CA HIS B 170 -13.12 2.75 21.28
C HIS B 170 -13.79 4.01 21.94
N ARG B 171 -13.98 3.93 23.25
CA ARG B 171 -14.59 4.97 24.03
C ARG B 171 -13.86 6.27 23.91
N LEU B 172 -12.57 6.21 24.09
CA LEU B 172 -11.82 7.43 24.01
C LEU B 172 -11.67 8.01 22.59
N LEU B 173 -11.56 7.11 21.58
CA LEU B 173 -11.51 7.51 20.17
C LEU B 173 -12.82 8.26 19.87
N GLU B 174 -13.90 7.73 20.35
CA GLU B 174 -15.16 8.44 20.16
C GLU B 174 -15.30 9.79 20.81
N MET B 175 -14.73 9.90 22.01
CA MET B 175 -14.72 11.17 22.71
C MET B 175 -14.09 12.22 21.78
N ILE B 176 -12.98 11.87 21.12
CA ILE B 176 -12.35 12.81 20.23
C ILE B 176 -13.20 13.03 18.96
N LEU B 177 -13.62 11.92 18.35
CA LEU B 177 -14.28 12.00 17.05
C LEU B 177 -15.59 12.78 17.13
N ASN B 178 -16.19 12.79 18.33
CA ASN B 178 -17.49 13.48 18.54
C ASN B 178 -17.33 14.82 19.29
N LYS B 179 -16.10 15.23 19.50
CA LYS B 179 -15.83 16.49 20.15
C LYS B 179 -16.48 17.66 19.37
N PRO B 180 -17.22 18.53 20.07
CA PRO B 180 -17.69 19.72 19.47
C PRO B 180 -16.54 20.52 18.84
N GLY B 181 -16.74 20.88 17.57
CA GLY B 181 -15.88 21.88 16.86
C GLY B 181 -14.57 21.18 16.49
N LEU B 182 -14.57 19.83 16.53
CA LEU B 182 -13.38 19.03 16.04
C LEU B 182 -12.82 19.67 14.72
N LYS B 183 -11.49 19.90 14.70
CA LYS B 183 -10.78 20.34 13.46
C LYS B 183 -10.15 19.20 12.72
N TYR B 184 -9.53 18.28 13.45
CA TYR B 184 -8.65 17.26 12.85
C TYR B 184 -8.90 15.98 13.61
N LYS B 185 -9.30 14.93 12.85
CA LYS B 185 -9.45 13.59 13.42
C LYS B 185 -8.01 13.16 13.78
N PRO B 186 -7.86 12.21 14.67
CA PRO B 186 -6.54 11.61 14.82
C PRO B 186 -6.23 10.81 13.50
N VAL B 187 -5.00 10.81 13.04
CA VAL B 187 -4.70 10.11 11.78
C VAL B 187 -4.49 8.62 12.07
N CYS B 188 -4.18 8.29 13.29
CA CYS B 188 -3.85 6.94 13.72
C CYS B 188 -4.09 6.74 15.20
N ASN B 189 -4.08 5.46 15.58
CA ASN B 189 -4.10 4.97 16.93
C ASN B 189 -2.99 3.90 17.00
N GLN B 190 -1.92 4.23 17.69
CA GLN B 190 -0.76 3.38 17.89
C GLN B 190 -0.99 2.45 19.10
N VAL B 191 -1.16 1.15 18.82
CA VAL B 191 -1.52 0.17 19.88
C VAL B 191 -0.74 -1.12 19.72
N GLU B 192 -0.70 -1.93 20.79
CA GLU B 192 -0.13 -3.30 20.69
C GLU B 192 -0.95 -4.13 19.70
N CYS B 193 -0.25 -4.73 18.75
CA CYS B 193 -0.93 -5.62 17.77
C CYS B 193 0.05 -6.60 17.23
N HIS B 194 -0.37 -7.89 17.30
CA HIS B 194 0.40 -9.08 16.83
C HIS B 194 -0.56 -10.29 16.80
N PRO B 195 -0.09 -11.46 16.27
CA PRO B 195 -0.99 -12.62 16.06
C PRO B 195 -1.60 -13.23 17.34
N TYR B 196 -1.02 -12.97 18.52
CA TYR B 196 -1.70 -13.28 19.80
C TYR B 196 -2.73 -12.27 20.36
N PHE B 197 -2.72 -11.07 19.78
CA PHE B 197 -3.62 -9.98 20.18
C PHE B 197 -3.79 -9.17 18.88
N ASN B 198 -4.67 -9.65 17.98
CA ASN B 198 -4.63 -9.11 16.64
C ASN B 198 -5.54 -7.90 16.45
N GLN B 199 -6.26 -7.53 17.51
CA GLN B 199 -7.06 -6.33 17.55
C GLN B 199 -8.11 -6.23 16.48
N ARG B 200 -8.66 -7.32 15.97
CA ARG B 200 -9.66 -7.20 14.90
C ARG B 200 -10.80 -6.19 15.14
N LYS B 201 -11.28 -6.10 16.37
CA LYS B 201 -12.46 -5.31 16.66
C LYS B 201 -11.98 -3.84 16.51
N LEU B 202 -10.88 -3.54 17.18
CA LEU B 202 -10.38 -2.20 17.18
C LEU B 202 -9.95 -1.79 15.77
N LEU B 203 -9.23 -2.68 15.06
CA LEU B 203 -8.81 -2.45 13.65
C LEU B 203 -10.02 -2.11 12.78
N ASP B 204 -11.07 -2.89 12.89
CA ASP B 204 -12.31 -2.64 12.11
C ASP B 204 -12.97 -1.29 12.44
N PHE B 205 -13.07 -0.93 13.74
CA PHE B 205 -13.50 0.39 14.08
C PHE B 205 -12.60 1.52 13.50
N CYS B 206 -11.28 1.41 13.63
CA CYS B 206 -10.42 2.41 13.08
C CYS B 206 -10.61 2.52 11.58
N LYS B 207 -10.63 1.37 10.90
CA LYS B 207 -10.95 1.45 9.47
C LYS B 207 -12.23 2.19 9.12
N SER B 208 -13.27 1.93 9.89
CA SER B 208 -14.58 2.59 9.64
C SER B 208 -14.56 4.14 9.74
N LYS B 209 -13.52 4.65 10.41
CA LYS B 209 -13.28 6.08 10.64
C LYS B 209 -12.06 6.58 9.88
N ASP B 210 -11.55 5.80 8.93
CA ASP B 210 -10.30 6.09 8.24
C ASP B 210 -9.16 6.55 9.21
N ILE B 211 -9.01 5.86 10.33
CA ILE B 211 -7.90 5.99 11.24
C ILE B 211 -7.00 4.77 10.97
N VAL B 212 -5.70 5.02 10.82
CA VAL B 212 -4.71 3.97 10.70
C VAL B 212 -4.26 3.36 12.01
N LEU B 213 -4.37 2.06 12.10
CA LEU B 213 -3.91 1.37 13.27
C LEU B 213 -2.41 1.14 13.03
N VAL B 214 -1.60 1.59 13.95
CA VAL B 214 -0.12 1.41 13.86
C VAL B 214 0.18 0.45 15.00
N ALA B 215 0.86 -0.63 14.65
CA ALA B 215 1.09 -1.74 15.57
C ALA B 215 2.50 -1.65 16.19
N TYR B 216 2.51 -1.72 17.52
CA TYR B 216 3.72 -1.90 18.22
C TYR B 216 3.66 -3.30 18.90
N SER B 217 4.86 -3.68 19.38
CA SER B 217 5.15 -5.05 19.82
C SER B 217 4.66 -6.09 18.83
N ALA B 218 4.93 -5.75 17.58
CA ALA B 218 4.46 -6.50 16.43
C ALA B 218 5.18 -7.83 16.41
N LEU B 219 6.40 -7.84 16.95
CA LEU B 219 7.22 -9.08 17.06
C LEU B 219 7.22 -9.68 18.45
N GLY B 220 6.20 -9.42 19.26
CA GLY B 220 6.16 -9.89 20.62
C GLY B 220 6.85 -9.03 21.70
N SER B 221 7.35 -7.83 21.35
CA SER B 221 7.86 -6.82 22.38
C SER B 221 9.28 -7.06 22.97
N HIS B 222 9.73 -6.06 23.75
CA HIS B 222 11.05 -6.01 24.40
C HIS B 222 11.15 -6.87 25.70
N PRO B 226 10.54 -5.01 34.24
CA PRO B 226 9.38 -5.73 34.75
C PRO B 226 8.08 -5.34 34.03
N TRP B 227 8.14 -4.77 32.84
CA TRP B 227 6.92 -4.26 32.20
C TRP B 227 6.14 -5.35 31.40
N VAL B 228 6.81 -6.48 31.04
CA VAL B 228 6.16 -7.68 30.44
C VAL B 228 6.24 -8.90 31.40
N ASP B 229 5.17 -9.71 31.48
CA ASP B 229 5.19 -10.95 32.32
C ASP B 229 6.15 -11.99 31.71
N PRO B 230 7.31 -12.25 32.37
CA PRO B 230 8.27 -13.17 31.73
C PRO B 230 7.74 -14.60 31.57
N ASN B 231 6.65 -14.96 32.27
CA ASN B 231 5.95 -16.24 32.04
C ASN B 231 4.91 -16.14 30.90
N SER B 232 5.06 -15.15 30.02
CA SER B 232 4.22 -14.99 28.80
C SER B 232 4.89 -15.61 27.55
N PRO B 233 4.07 -16.20 26.65
CA PRO B 233 4.64 -16.99 25.53
C PRO B 233 5.51 -16.17 24.56
N VAL B 234 6.56 -16.80 24.04
CA VAL B 234 7.33 -16.13 23.03
C VAL B 234 6.54 -16.37 21.72
N LEU B 235 6.20 -15.25 21.10
CA LEU B 235 5.39 -15.25 19.90
C LEU B 235 6.20 -15.82 18.75
N LEU B 236 7.48 -15.41 18.67
CA LEU B 236 8.34 -15.75 17.56
C LEU B 236 8.83 -17.20 17.58
N GLU B 237 8.36 -17.95 18.56
CA GLU B 237 8.63 -19.40 18.66
C GLU B 237 7.32 -20.19 18.44
N ASP B 238 6.31 -19.46 17.93
CA ASP B 238 5.04 -20.09 17.66
C ASP B 238 5.24 -21.06 16.50
N PRO B 239 4.65 -22.28 16.59
CA PRO B 239 4.79 -23.31 15.53
C PRO B 239 4.21 -22.92 14.15
N VAL B 240 2.98 -22.41 14.11
CA VAL B 240 2.37 -21.96 12.89
C VAL B 240 3.28 -20.96 12.14
N LEU B 241 3.83 -19.97 12.85
CA LEU B 241 4.72 -18.93 12.25
C LEU B 241 6.13 -19.40 11.90
N CYS B 242 6.66 -20.32 12.70
CA CYS B 242 7.98 -20.89 12.42
C CYS B 242 7.87 -21.81 11.17
N ALA B 243 6.67 -22.34 10.97
CA ALA B 243 6.35 -23.28 9.84
C ALA B 243 6.21 -22.49 8.54
N LEU B 244 5.45 -21.39 8.62
CA LEU B 244 5.36 -20.47 7.47
C LEU B 244 6.72 -19.81 7.17
N ALA B 245 7.53 -19.55 8.19
CA ALA B 245 8.87 -19.00 7.96
C ALA B 245 9.84 -19.91 7.16
N LYS B 246 9.91 -21.19 7.59
CA LYS B 246 10.75 -22.22 6.98
C LYS B 246 10.31 -22.34 5.54
N LYS B 247 9.00 -22.50 5.37
CA LYS B 247 8.37 -22.54 4.06
C LYS B 247 8.76 -21.38 3.09
N HIS B 248 8.64 -20.13 3.52
CA HIS B 248 8.92 -18.97 2.62
C HIS B 248 10.36 -18.59 2.62
N LYS B 249 11.15 -19.46 3.25
CA LYS B 249 12.55 -19.16 3.48
C LYS B 249 12.63 -17.71 3.94
N ARG B 250 11.96 -17.42 5.07
CA ARG B 250 12.10 -16.16 5.80
C ARG B 250 12.23 -16.42 7.32
N THR B 251 12.09 -15.37 8.14
CA THR B 251 12.09 -15.53 9.58
C THR B 251 10.69 -15.34 10.12
N PRO B 252 10.42 -15.83 11.35
CA PRO B 252 9.05 -15.69 11.89
C PRO B 252 8.66 -14.22 12.13
N ALA B 253 9.68 -13.37 12.31
CA ALA B 253 9.48 -11.93 12.48
C ALA B 253 8.81 -11.38 11.22
N LEU B 254 9.35 -11.83 10.10
CA LEU B 254 8.96 -11.30 8.77
C LEU B 254 7.52 -11.74 8.43
N ILE B 255 7.14 -12.97 8.79
CA ILE B 255 5.72 -13.44 8.71
C ILE B 255 4.80 -12.51 9.55
N ALA B 256 5.17 -12.27 10.82
CA ALA B 256 4.37 -11.42 11.71
C ALA B 256 4.25 -9.93 11.21
N LEU B 257 5.34 -9.36 10.73
CA LEU B 257 5.25 -8.03 10.08
C LEU B 257 4.45 -8.07 8.75
N ARG B 258 4.64 -9.11 7.92
CA ARG B 258 3.89 -9.17 6.66
C ARG B 258 2.39 -9.27 6.87
N TYR B 259 1.97 -10.08 7.82
CA TYR B 259 0.59 -10.23 8.26
C TYR B 259 -0.07 -8.88 8.44
N GLN B 260 0.60 -8.01 9.16
CA GLN B 260 0.11 -6.62 9.46
C GLN B 260 0.02 -5.77 8.22
N LEU B 261 1.06 -5.74 7.40
CA LEU B 261 0.98 -4.98 6.09
C LEU B 261 -0.25 -5.46 5.25
N GLN B 262 -0.48 -6.77 5.16
CA GLN B 262 -1.62 -7.25 4.35
C GLN B 262 -2.99 -6.99 4.92
N ARG B 263 -3.11 -6.88 6.27
CA ARG B 263 -4.41 -6.57 6.89
C ARG B 263 -4.70 -5.05 7.04
N GLY B 264 -3.82 -4.25 6.50
CA GLY B 264 -4.02 -2.80 6.37
C GLY B 264 -3.41 -2.04 7.55
N VAL B 265 -2.55 -2.71 8.29
CA VAL B 265 -1.97 -2.12 9.53
C VAL B 265 -0.55 -1.60 9.18
N VAL B 266 -0.17 -0.43 9.71
CA VAL B 266 1.17 0.05 9.64
C VAL B 266 1.98 -0.56 10.77
N VAL B 267 3.22 -0.96 10.52
CA VAL B 267 3.88 -1.87 11.51
C VAL B 267 5.21 -1.28 11.90
N LEU B 268 5.42 -1.27 13.21
CA LEU B 268 6.72 -0.88 13.67
C LEU B 268 7.57 -2.14 13.92
N ALA B 269 8.84 -1.94 13.85
CA ALA B 269 9.83 -3.01 14.20
C ALA B 269 11.02 -2.32 14.82
N LYS B 270 11.34 -2.74 16.03
CA LYS B 270 12.58 -2.29 16.64
C LYS B 270 13.65 -3.33 16.54
N SER B 271 14.82 -2.93 16.11
CA SER B 271 16.00 -3.76 16.31
C SER B 271 17.22 -2.92 16.48
N TYR B 272 18.14 -3.36 17.34
CA TYR B 272 19.45 -2.71 17.37
C TYR B 272 20.48 -3.58 16.62
N ASN B 273 20.09 -4.77 16.14
CA ASN B 273 20.97 -5.68 15.37
C ASN B 273 20.88 -5.40 13.88
N GLU B 274 22.02 -5.12 13.29
CA GLU B 274 22.11 -4.73 11.91
C GLU B 274 21.55 -5.70 10.89
N GLN B 275 21.87 -6.97 11.03
CA GLN B 275 21.39 -7.96 10.09
C GLN B 275 19.83 -8.09 10.23
N ARG B 276 19.35 -7.75 11.43
CA ARG B 276 17.93 -7.93 11.75
C ARG B 276 17.15 -6.75 11.22
N ILE B 277 17.78 -5.58 11.34
CA ILE B 277 17.30 -4.30 10.76
C ILE B 277 17.13 -4.45 9.24
N ARG B 278 18.19 -4.91 8.57
CA ARG B 278 18.20 -5.11 7.10
C ARG B 278 17.20 -6.21 6.75
N GLN B 279 17.11 -7.23 7.59
CA GLN B 279 16.15 -8.26 7.37
C GLN B 279 14.66 -7.77 7.32
N ASN B 280 14.30 -6.92 8.28
CA ASN B 280 12.92 -6.43 8.45
C ASN B 280 12.37 -5.71 7.18
N VAL B 281 13.24 -5.03 6.48
CA VAL B 281 12.84 -4.36 5.22
C VAL B 281 12.41 -5.40 4.12
N GLN B 282 12.66 -6.70 4.34
CA GLN B 282 12.36 -7.74 3.31
C GLN B 282 10.89 -8.16 3.35
N VAL B 283 10.14 -7.48 4.22
CA VAL B 283 8.70 -7.63 4.32
C VAL B 283 7.96 -7.31 3.00
N PHE B 284 8.57 -6.45 2.23
CA PHE B 284 8.10 -6.03 0.91
C PHE B 284 8.46 -6.96 -0.24
N GLU B 285 9.20 -8.03 0.07
N GLU B 285 9.20 -8.02 0.06
CA GLU B 285 9.74 -8.96 -0.93
CA GLU B 285 9.72 -8.90 -0.97
C GLU B 285 8.93 -10.22 -1.16
C GLU B 285 9.00 -10.25 -1.09
N PHE B 286 7.94 -10.47 -0.32
CA PHE B 286 7.07 -11.63 -0.42
C PHE B 286 5.63 -11.30 0.06
N GLN B 287 4.68 -12.18 -0.24
CA GLN B 287 3.27 -12.07 0.04
C GLN B 287 2.82 -13.38 0.62
N LEU B 288 1.72 -13.31 1.39
CA LEU B 288 1.02 -14.41 2.04
C LEU B 288 -0.34 -14.62 1.38
N THR B 289 -0.77 -15.88 1.22
CA THR B 289 -2.01 -16.20 0.56
C THR B 289 -3.12 -16.04 1.53
N SER B 290 -4.38 -16.07 1.07
CA SER B 290 -5.58 -15.98 1.93
C SER B 290 -5.58 -17.08 2.97
N GLU B 291 -5.19 -18.29 2.58
CA GLU B 291 -5.30 -19.44 3.52
C GLU B 291 -4.31 -19.27 4.66
N GLU B 292 -3.12 -18.77 4.32
CA GLU B 292 -2.08 -18.49 5.29
C GLU B 292 -2.44 -17.35 6.24
N MET B 293 -3.07 -16.29 5.73
CA MET B 293 -3.53 -15.20 6.59
C MET B 293 -4.55 -15.65 7.60
N LYS B 294 -5.47 -16.49 7.14
CA LYS B 294 -6.40 -17.23 7.96
C LYS B 294 -5.67 -18.03 9.04
N ALA B 295 -4.57 -18.72 8.68
CA ALA B 295 -3.83 -19.53 9.66
C ALA B 295 -3.43 -18.57 10.78
N ILE B 296 -2.89 -17.39 10.41
CA ILE B 296 -2.30 -16.44 11.42
C ILE B 296 -3.38 -15.83 12.21
N ASP B 297 -4.52 -15.55 11.58
CA ASP B 297 -5.71 -15.11 12.30
C ASP B 297 -6.12 -16.07 13.39
N GLY B 298 -5.99 -17.37 13.12
CA GLY B 298 -6.31 -18.42 14.10
C GLY B 298 -5.41 -18.45 15.32
N LEU B 299 -4.27 -17.73 15.28
CA LEU B 299 -3.40 -17.67 16.42
C LEU B 299 -3.75 -16.72 17.51
N ASN B 300 -4.86 -16.05 17.33
CA ASN B 300 -5.23 -14.98 18.21
C ASN B 300 -5.72 -15.53 19.53
N ARG B 301 -5.29 -14.93 20.63
CA ARG B 301 -5.72 -15.42 21.96
C ARG B 301 -5.96 -14.33 23.02
N ASN B 302 -6.23 -13.09 22.63
CA ASN B 302 -6.42 -12.01 23.64
C ASN B 302 -5.34 -11.98 24.73
N VAL B 303 -4.06 -12.17 24.34
CA VAL B 303 -2.85 -11.99 25.19
C VAL B 303 -2.19 -10.60 24.97
N ARG B 304 -2.43 -9.74 25.94
CA ARG B 304 -1.93 -8.36 25.93
C ARG B 304 -0.64 -8.27 26.73
N TYR B 305 0.51 -8.16 26.07
CA TYR B 305 1.81 -8.08 26.72
C TYR B 305 1.96 -6.81 27.56
N LEU B 306 1.52 -5.64 27.05
CA LEU B 306 1.75 -4.36 27.76
C LEU B 306 0.48 -3.77 28.30
N THR B 307 0.38 -3.75 29.62
CA THR B 307 -0.83 -3.26 30.26
C THR B 307 -0.65 -1.85 30.84
N LEU B 308 0.59 -1.43 31.02
CA LEU B 308 0.98 -0.28 31.86
C LEU B 308 0.09 -0.16 33.09
N ASP B 309 -0.04 -1.26 33.83
CA ASP B 309 -1.06 -1.27 34.89
C ASP B 309 -0.75 -0.44 36.14
N ILE B 310 0.49 0.06 36.25
CA ILE B 310 0.80 1.10 37.23
C ILE B 310 -0.10 2.34 37.02
N PHE B 311 -0.70 2.45 35.82
CA PHE B 311 -1.63 3.54 35.49
C PHE B 311 -3.09 3.18 35.58
N ALA B 312 -3.45 1.99 36.17
CA ALA B 312 -4.84 1.69 36.40
C ALA B 312 -5.47 2.53 37.50
N GLY B 313 -6.81 2.68 37.40
CA GLY B 313 -7.62 3.44 38.33
C GLY B 313 -8.29 4.65 37.76
N PRO B 314 -7.52 5.50 37.04
CA PRO B 314 -8.25 6.66 36.53
C PRO B 314 -9.31 6.31 35.48
N PRO B 315 -10.29 7.21 35.28
CA PRO B 315 -11.35 6.88 34.35
C PRO B 315 -10.81 6.66 32.94
N ASN B 316 -9.75 7.39 32.53
CA ASN B 316 -9.15 7.13 31.17
C ASN B 316 -8.17 5.99 30.97
N TYR B 317 -8.08 5.07 31.96
CA TYR B 317 -7.19 3.96 31.78
C TYR B 317 -7.90 3.12 30.64
N PRO B 318 -7.15 2.79 29.58
CA PRO B 318 -7.76 2.19 28.38
C PRO B 318 -8.06 0.70 28.36
N PHE B 319 -7.49 -0.06 29.30
CA PHE B 319 -7.56 -1.55 29.31
C PHE B 319 -8.24 -2.21 30.54
#